data_7AEW
#
_entry.id   7AEW
#
_cell.length_a   82.210
_cell.length_b   112.060
_cell.length_c   62.610
_cell.angle_alpha   90.000
_cell.angle_beta   90.000
_cell.angle_gamma   90.000
#
_symmetry.space_group_name_H-M   'C 2 2 21'
#
loop_
_entity.id
_entity.type
_entity.pdbx_description
1 polymer '14-3-3 protein sigma'
2 polymer 'Aminopeptidase N'
3 non-polymer 'SODIUM ION'
4 non-polymer 'CHLORIDE ION'
5 water water
#
loop_
_entity_poly.entity_id
_entity_poly.type
_entity_poly.pdbx_seq_one_letter_code
_entity_poly.pdbx_strand_id
1 'polypeptide(L)'
;GAMGSMERASLIQKAKLAEQAERYEDMAAFMKGAVEKGEELSCEERNLLSVAYKNVVGGQRAAWRVLSSIEQKSNEEGSE
EKGPEVREYREKVETELQGVCDTVLGLLDSHLIKEAGDAESRVFYLKMKGDYYRYLAEVATGDDKKRIIDSARSAYQEAM
DISKKEMPPTNPIRLGLALNFSVFHYEIANSPEEAISLAKTTFDEAMADLHTLSEDSYKDSTLIMQLLRDNLTLWT
;
AAA
2 'polypeptide(L)' EKNKNAN(SEP)SPVASTTPSASATTNPASA(TPO)TLDQSKAWNR CCC,BBB
#
# COMPACT_ATOMS: atom_id res chain seq x y z
N GLY A 1 21.65 -14.35 -0.70
CA GLY A 1 20.23 -14.59 -0.46
C GLY A 1 19.84 -15.87 -1.13
N ALA A 2 18.83 -16.57 -0.61
CA ALA A 2 18.47 -17.95 -0.94
C ALA A 2 18.00 -18.03 -2.39
N MET A 3 17.57 -16.91 -3.02
CA MET A 3 17.16 -16.96 -4.44
C MET A 3 18.30 -16.58 -5.37
N GLY A 4 19.50 -16.36 -4.89
CA GLY A 4 20.62 -15.91 -5.71
C GLY A 4 20.98 -16.88 -6.80
N SER A 5 20.72 -18.18 -6.62
CA SER A 5 21.07 -19.19 -7.63
CA SER A 5 21.07 -19.24 -7.59
C SER A 5 19.99 -19.40 -8.65
N MET A 6 18.81 -18.82 -8.51
CA MET A 6 17.71 -19.06 -9.41
C MET A 6 17.65 -18.01 -10.48
N GLU A 7 17.42 -18.40 -11.72
CA GLU A 7 17.27 -17.46 -12.85
C GLU A 7 16.15 -16.46 -12.51
N ARG A 8 16.33 -15.25 -13.02
CA ARG A 8 15.30 -14.21 -12.92
C ARG A 8 13.99 -14.69 -13.51
N ALA A 9 14.00 -15.28 -14.70
CA ALA A 9 12.73 -15.66 -15.35
C ALA A 9 12.08 -16.77 -14.52
N SER A 10 12.85 -17.68 -13.95
CA SER A 10 12.29 -18.77 -13.13
C SER A 10 11.66 -18.22 -11.87
N LEU A 11 12.24 -17.17 -11.28
CA LEU A 11 11.65 -16.54 -10.10
C LEU A 11 10.33 -15.91 -10.47
N ILE A 12 10.25 -15.21 -11.57
CA ILE A 12 8.97 -14.62 -12.05
CA ILE A 12 8.94 -14.60 -11.95
C ILE A 12 7.93 -15.70 -12.29
N GLN A 13 8.33 -16.76 -12.97
CA GLN A 13 7.41 -17.90 -13.26
CA GLN A 13 7.43 -17.91 -13.27
C GLN A 13 6.91 -18.49 -11.95
N LYS A 14 7.79 -18.71 -10.99
CA LYS A 14 7.35 -19.28 -9.70
C LYS A 14 6.50 -18.29 -8.92
N ALA A 15 6.77 -16.99 -8.99
CA ALA A 15 5.90 -16.02 -8.32
C ALA A 15 4.46 -16.16 -8.83
N LYS A 16 4.30 -16.35 -10.14
CA LYS A 16 2.95 -16.52 -10.70
C LYS A 16 2.33 -17.83 -10.22
N LEU A 17 3.09 -18.89 -10.17
CA LEU A 17 2.56 -20.17 -9.63
C LEU A 17 2.17 -19.99 -8.16
N ALA A 18 3.01 -19.31 -7.38
CA ALA A 18 2.72 -19.10 -5.98
C ALA A 18 1.43 -18.29 -5.85
N GLU A 19 1.21 -17.29 -6.66
CA GLU A 19 -0.07 -16.54 -6.62
C GLU A 19 -1.23 -17.51 -6.85
N GLN A 20 -1.13 -18.36 -7.85
CA GLN A 20 -2.25 -19.26 -8.20
C GLN A 20 -2.49 -20.18 -7.00
N ALA A 21 -1.46 -20.59 -6.29
CA ALA A 21 -1.54 -21.52 -5.15
C ALA A 21 -1.89 -20.79 -3.84
N GLU A 22 -2.04 -19.49 -3.89
CA GLU A 22 -2.25 -18.61 -2.71
CA GLU A 22 -2.29 -18.69 -2.66
C GLU A 22 -1.14 -18.82 -1.67
N ARG A 23 0.08 -18.93 -2.14
CA ARG A 23 1.30 -19.04 -1.34
C ARG A 23 1.99 -17.69 -1.37
N TYR A 24 1.48 -16.72 -0.64
CA TYR A 24 1.94 -15.32 -0.82
C TYR A 24 3.29 -15.10 -0.18
N GLU A 25 3.65 -15.77 0.89
CA GLU A 25 5.02 -15.62 1.44
CA GLU A 25 5.01 -15.65 1.45
C GLU A 25 6.01 -16.14 0.40
N ASP A 26 5.75 -17.29 -0.22
CA ASP A 26 6.65 -17.76 -1.29
C ASP A 26 6.68 -16.73 -2.41
N MET A 27 5.54 -16.22 -2.81
CA MET A 27 5.45 -15.25 -3.91
C MET A 27 6.34 -14.06 -3.60
N ALA A 28 6.26 -13.55 -2.39
CA ALA A 28 7.09 -12.39 -1.99
C ALA A 28 8.57 -12.74 -2.03
N ALA A 29 8.94 -13.92 -1.54
CA ALA A 29 10.36 -14.30 -1.56
C ALA A 29 10.83 -14.43 -3.01
N PHE A 30 10.05 -14.97 -3.92
CA PHE A 30 10.46 -15.07 -5.31
C PHE A 30 10.64 -13.66 -5.88
N MET A 31 9.68 -12.76 -5.62
CA MET A 31 9.78 -11.42 -6.21
C MET A 31 10.94 -10.64 -5.58
N LYS A 32 11.20 -10.78 -4.31
CA LYS A 32 12.41 -10.18 -3.72
C LYS A 32 13.65 -10.68 -4.46
N GLY A 33 13.73 -11.99 -4.68
CA GLY A 33 14.83 -12.54 -5.45
C GLY A 33 14.94 -11.90 -6.81
N ALA A 34 13.81 -11.73 -7.50
CA ALA A 34 13.83 -11.11 -8.83
C ALA A 34 14.32 -9.66 -8.74
N VAL A 35 13.84 -8.88 -7.79
CA VAL A 35 14.31 -7.48 -7.66
C VAL A 35 15.80 -7.50 -7.40
N GLU A 36 16.29 -8.40 -6.60
CA GLU A 36 17.73 -8.39 -6.25
C GLU A 36 18.60 -8.81 -7.43
N LYS A 37 18.07 -9.26 -8.55
CA LYS A 37 18.89 -9.46 -9.75
C LYS A 37 19.43 -8.12 -10.28
N GLY A 38 18.80 -7.00 -9.90
CA GLY A 38 19.35 -5.67 -10.20
C GLY A 38 18.76 -5.06 -11.44
N GLU A 39 17.99 -5.76 -12.23
CA GLU A 39 17.32 -5.18 -13.41
C GLU A 39 16.04 -4.48 -12.99
N GLU A 40 15.64 -3.47 -13.75
CA GLU A 40 14.33 -2.82 -13.56
C GLU A 40 13.21 -3.84 -13.77
N LEU A 41 12.05 -3.58 -13.20
CA LEU A 41 10.87 -4.43 -13.30
C LEU A 41 9.96 -3.89 -14.36
N SER A 42 9.38 -4.78 -15.14
CA SER A 42 8.27 -4.42 -16.04
C SER A 42 7.01 -4.08 -15.27
N CYS A 43 5.98 -3.58 -15.96
CA CYS A 43 4.73 -3.29 -15.33
C CYS A 43 4.14 -4.53 -14.65
N GLU A 44 4.11 -5.63 -15.37
CA GLU A 44 3.54 -6.85 -14.81
C GLU A 44 4.36 -7.27 -13.60
N GLU A 45 5.66 -7.18 -13.66
CA GLU A 45 6.54 -7.63 -12.54
C GLU A 45 6.33 -6.69 -11.34
N ARG A 46 6.16 -5.40 -11.53
CA ARG A 46 5.84 -4.50 -10.41
C ARG A 46 4.54 -4.91 -9.77
N ASN A 47 3.54 -5.32 -10.54
N ASN A 47 3.53 -5.25 -10.58
CA ASN A 47 2.24 -5.71 -9.94
CA ASN A 47 2.23 -5.73 -10.05
C ASN A 47 2.40 -7.07 -9.23
C ASN A 47 2.48 -6.96 -9.19
N LEU A 48 3.27 -7.94 -9.66
CA LEU A 48 3.47 -9.16 -8.90
C LEU A 48 4.14 -8.83 -7.56
N LEU A 49 5.09 -7.91 -7.53
CA LEU A 49 5.77 -7.51 -6.29
C LEU A 49 4.73 -6.95 -5.33
N SER A 50 3.84 -6.09 -5.82
CA SER A 50 2.82 -5.46 -4.98
C SER A 50 1.82 -6.48 -4.49
N VAL A 51 1.34 -7.36 -5.31
CA VAL A 51 0.35 -8.35 -4.86
C VAL A 51 0.99 -9.21 -3.77
N ALA A 52 2.21 -9.65 -3.95
CA ALA A 52 2.84 -10.58 -3.00
C ALA A 52 2.90 -9.92 -1.63
N TYR A 53 3.51 -8.75 -1.55
CA TYR A 53 3.75 -8.11 -0.25
C TYR A 53 2.46 -7.57 0.34
N LYS A 54 1.50 -7.14 -0.46
N LYS A 54 1.50 -7.16 -0.50
CA LYS A 54 0.23 -6.68 0.12
CA LYS A 54 0.17 -6.70 -0.04
C LYS A 54 -0.50 -7.84 0.79
C LYS A 54 -0.47 -7.82 0.77
N ASN A 55 -0.47 -9.03 0.23
CA ASN A 55 -1.09 -10.16 0.89
C ASN A 55 -0.34 -10.55 2.13
N VAL A 56 0.98 -10.58 2.12
CA VAL A 56 1.74 -10.91 3.35
C VAL A 56 1.45 -9.88 4.41
N VAL A 57 1.63 -8.60 4.15
CA VAL A 57 1.44 -7.59 5.22
CA VAL A 57 1.45 -7.60 5.23
C VAL A 57 -0.03 -7.52 5.55
N GLY A 58 -0.95 -7.80 4.64
CA GLY A 58 -2.37 -7.76 4.97
C GLY A 58 -2.70 -8.76 6.03
N GLY A 59 -2.18 -9.97 5.96
CA GLY A 59 -2.45 -10.95 7.02
C GLY A 59 -1.85 -10.48 8.32
N GLN A 60 -0.68 -9.90 8.29
CA GLN A 60 -0.03 -9.45 9.54
C GLN A 60 -0.85 -8.29 10.16
N ARG A 61 -1.32 -7.36 9.35
CA ARG A 61 -2.09 -6.21 9.85
C ARG A 61 -3.39 -6.76 10.45
N ALA A 62 -4.05 -7.68 9.80
CA ALA A 62 -5.31 -8.22 10.33
C ALA A 62 -5.02 -8.88 11.68
N ALA A 63 -3.93 -9.61 11.82
CA ALA A 63 -3.61 -10.32 13.08
C ALA A 63 -3.30 -9.27 14.13
N TRP A 64 -2.51 -8.28 13.78
CA TRP A 64 -2.12 -7.22 14.73
C TRP A 64 -3.37 -6.55 15.26
N ARG A 65 -4.35 -6.26 14.42
CA ARG A 65 -5.57 -5.56 14.88
CA ARG A 65 -5.51 -5.52 14.96
C ARG A 65 -6.33 -6.44 15.87
N VAL A 66 -6.41 -7.73 15.60
CA VAL A 66 -7.13 -8.63 16.52
C VAL A 66 -6.39 -8.60 17.85
N LEU A 67 -5.10 -8.73 17.87
CA LEU A 67 -4.31 -8.82 19.11
C LEU A 67 -4.33 -7.49 19.85
N SER A 68 -4.24 -6.39 19.13
CA SER A 68 -4.28 -5.04 19.74
CA SER A 68 -4.31 -5.04 19.73
C SER A 68 -5.64 -4.83 20.41
N SER A 69 -6.70 -5.29 19.83
CA SER A 69 -8.05 -5.12 20.41
C SER A 69 -8.13 -5.94 21.70
N ILE A 70 -7.58 -7.15 21.71
CA ILE A 70 -7.62 -7.99 22.94
C ILE A 70 -6.78 -7.29 23.98
N GLU A 71 -5.65 -6.72 23.64
CA GLU A 71 -4.73 -6.09 24.60
C GLU A 71 -5.43 -4.83 25.15
N GLN A 72 -6.33 -4.24 24.34
N GLN A 72 -5.88 -3.90 24.32
CA GLN A 72 -7.12 -3.03 24.73
CA GLN A 72 -6.47 -2.62 24.80
C GLN A 72 -8.16 -3.48 25.76
C GLN A 72 -7.59 -2.94 25.80
N LYS A 73 -8.91 -4.55 25.47
N LYS A 73 -8.39 -3.99 25.54
CA LYS A 73 -9.92 -5.06 26.42
CA LYS A 73 -9.52 -4.40 26.42
C LYS A 73 -9.22 -5.37 27.76
C LYS A 73 -8.95 -4.88 27.76
N SER A 74 -7.94 -5.75 27.74
CA SER A 74 -7.22 -6.19 28.97
C SER A 74 -6.85 -4.99 29.85
N ASN A 75 -6.70 -3.80 29.28
CA ASN A 75 -6.27 -2.59 30.02
C ASN A 75 -7.49 -1.77 30.45
N GLU A 76 -8.70 -2.34 30.38
CA GLU A 76 -9.95 -1.69 30.85
C GLU A 76 -10.15 -1.97 32.35
N GLU A 77 -10.84 -1.05 33.03
CA GLU A 77 -11.34 -1.21 34.42
C GLU A 77 -12.13 -2.51 34.51
N GLY A 78 -11.81 -3.37 35.49
CA GLY A 78 -12.57 -4.60 35.80
C GLY A 78 -11.98 -5.83 35.12
N SER A 79 -11.05 -5.65 34.17
CA SER A 79 -10.46 -6.77 33.37
C SER A 79 -9.46 -7.54 34.24
N GLU A 80 -9.59 -8.86 34.35
CA GLU A 80 -8.64 -9.70 35.11
C GLU A 80 -7.22 -9.59 34.53
N GLU A 81 -6.21 -9.55 35.40
CA GLU A 81 -4.78 -9.63 35.03
C GLU A 81 -4.52 -11.02 34.46
N LYS A 82 -3.96 -11.10 33.27
CA LYS A 82 -3.71 -12.39 32.61
C LYS A 82 -2.23 -12.51 32.24
N GLY A 83 -1.40 -11.60 32.72
CA GLY A 83 0.04 -11.74 32.51
C GLY A 83 0.49 -11.08 31.21
N PRO A 84 1.75 -11.29 30.87
CA PRO A 84 2.37 -10.56 29.76
C PRO A 84 2.07 -11.16 28.40
N GLU A 85 1.35 -12.27 28.29
CA GLU A 85 1.31 -13.02 27.03
C GLU A 85 0.65 -12.25 25.90
N VAL A 86 -0.43 -11.55 26.17
CA VAL A 86 -1.08 -10.81 25.04
C VAL A 86 -0.12 -9.77 24.50
N ARG A 87 0.49 -8.98 25.35
CA ARG A 87 1.44 -7.96 24.90
C ARG A 87 2.60 -8.65 24.16
N GLU A 88 3.16 -9.74 24.69
CA GLU A 88 4.29 -10.39 24.06
C GLU A 88 3.88 -10.84 22.64
N TYR A 89 2.74 -11.45 22.50
CA TYR A 89 2.37 -12.01 21.20
C TYR A 89 2.03 -10.86 20.24
N ARG A 90 1.36 -9.83 20.69
CA ARG A 90 1.15 -8.63 19.83
C ARG A 90 2.50 -8.10 19.42
N GLU A 91 3.47 -7.98 20.29
CA GLU A 91 4.81 -7.51 19.97
C GLU A 91 5.46 -8.44 18.94
N LYS A 92 5.28 -9.73 19.03
CA LYS A 92 5.85 -10.72 18.08
CA LYS A 92 5.92 -10.66 18.07
C LYS A 92 5.32 -10.40 16.69
N VAL A 93 4.03 -10.32 16.59
CA VAL A 93 3.40 -10.06 15.26
C VAL A 93 3.79 -8.68 14.78
N GLU A 94 3.84 -7.69 15.65
CA GLU A 94 4.26 -6.33 15.26
C GLU A 94 5.66 -6.33 14.73
N THR A 95 6.59 -7.03 15.35
CA THR A 95 7.98 -7.02 14.92
C THR A 95 8.05 -7.68 13.54
N GLU A 96 7.35 -8.76 13.35
CA GLU A 96 7.40 -9.43 12.03
CA GLU A 96 7.35 -9.46 12.03
C GLU A 96 6.81 -8.49 10.96
N LEU A 97 5.71 -7.82 11.26
CA LEU A 97 5.11 -6.85 10.31
CA LEU A 97 5.11 -6.83 10.34
C LEU A 97 6.14 -5.75 10.02
N GLN A 98 6.79 -5.19 11.00
CA GLN A 98 7.78 -4.15 10.77
C GLN A 98 8.88 -4.71 9.91
N GLY A 99 9.27 -5.97 10.10
CA GLY A 99 10.32 -6.57 9.30
C GLY A 99 9.92 -6.65 7.83
N VAL A 100 8.71 -7.01 7.54
CA VAL A 100 8.22 -7.07 6.13
C VAL A 100 8.23 -5.65 5.58
N CYS A 101 7.73 -4.66 6.31
CA CYS A 101 7.74 -3.30 5.78
C CYS A 101 9.15 -2.84 5.52
N ASP A 102 10.10 -3.10 6.42
CA ASP A 102 11.50 -2.72 6.24
C ASP A 102 12.08 -3.43 5.02
N THR A 103 11.68 -4.65 4.77
CA THR A 103 12.19 -5.38 3.58
C THR A 103 11.70 -4.68 2.31
N VAL A 104 10.41 -4.36 2.27
CA VAL A 104 9.89 -3.67 1.05
C VAL A 104 10.56 -2.33 0.88
N LEU A 105 10.66 -1.55 1.95
CA LEU A 105 11.28 -0.24 1.87
C LEU A 105 12.72 -0.38 1.42
N GLY A 106 13.39 -1.44 1.87
CA GLY A 106 14.80 -1.62 1.49
C GLY A 106 14.90 -1.96 0.01
N LEU A 107 13.98 -2.73 -0.56
CA LEU A 107 14.02 -2.98 -2.01
C LEU A 107 13.80 -1.69 -2.76
N LEU A 108 12.85 -0.88 -2.29
CA LEU A 108 12.57 0.39 -2.99
C LEU A 108 13.82 1.26 -2.94
N ASP A 109 14.52 1.29 -1.84
CA ASP A 109 15.71 2.14 -1.67
C ASP A 109 16.94 1.54 -2.33
N SER A 110 16.94 0.27 -2.68
CA SER A 110 18.15 -0.44 -3.17
C SER A 110 17.74 -1.39 -4.28
N HIS A 111 17.42 -0.93 -5.50
CA HIS A 111 17.59 0.44 -5.99
C HIS A 111 16.42 0.80 -6.89
N LEU A 112 15.21 0.32 -6.57
CA LEU A 112 14.11 0.45 -7.52
C LEU A 112 13.72 1.90 -7.79
N ILE A 113 13.62 2.71 -6.76
CA ILE A 113 13.21 4.13 -6.98
C ILE A 113 14.27 4.89 -7.76
N LYS A 114 15.52 4.73 -7.42
CA LYS A 114 16.54 5.57 -8.08
C LYS A 114 16.63 5.22 -9.55
N GLU A 115 16.33 4.01 -9.98
CA GLU A 115 16.46 3.73 -11.44
CA GLU A 115 16.44 3.61 -11.41
C GLU A 115 15.14 3.94 -12.17
N ALA A 116 14.07 4.30 -11.48
CA ALA A 116 12.73 4.47 -12.09
C ALA A 116 12.58 5.87 -12.64
N GLY A 117 12.59 6.00 -13.95
CA GLY A 117 12.51 7.31 -14.64
C GLY A 117 11.15 7.55 -15.27
N ASP A 118 10.45 6.53 -15.72
CA ASP A 118 9.15 6.76 -16.33
C ASP A 118 8.11 7.06 -15.27
N ALA A 119 7.09 7.86 -15.55
CA ALA A 119 6.11 8.22 -14.53
C ALA A 119 5.44 6.98 -13.98
N GLU A 120 5.14 5.97 -14.79
N GLU A 120 5.06 6.00 -14.80
CA GLU A 120 4.35 4.80 -14.36
CA GLU A 120 4.29 4.89 -14.22
C GLU A 120 5.13 3.90 -13.39
C GLU A 120 5.18 4.23 -13.16
N SER A 121 6.44 3.89 -13.49
CA SER A 121 7.27 3.13 -12.53
CA SER A 121 7.32 3.15 -12.55
C SER A 121 7.53 4.00 -11.31
N ARG A 122 7.92 5.24 -11.48
CA ARG A 122 8.31 6.08 -10.36
C ARG A 122 7.14 6.33 -9.45
N VAL A 123 5.98 6.65 -9.97
CA VAL A 123 4.76 6.86 -9.14
C VAL A 123 4.41 5.55 -8.42
N PHE A 124 4.47 4.42 -9.12
CA PHE A 124 4.14 3.14 -8.49
CA PHE A 124 4.15 3.12 -8.50
C PHE A 124 5.05 2.89 -7.28
N TYR A 125 6.35 3.12 -7.41
CA TYR A 125 7.28 2.82 -6.30
C TYR A 125 7.13 3.83 -5.18
N LEU A 126 6.94 5.12 -5.48
CA LEU A 126 6.74 6.11 -4.46
C LEU A 126 5.43 5.88 -3.71
N LYS A 127 4.37 5.47 -4.38
CA LYS A 127 3.12 5.06 -3.73
C LYS A 127 3.43 3.92 -2.76
N MET A 128 4.17 2.92 -3.23
CA MET A 128 4.53 1.74 -2.40
CA MET A 128 4.47 1.75 -2.37
C MET A 128 5.28 2.23 -1.15
N LYS A 129 6.21 3.13 -1.33
CA LYS A 129 6.97 3.66 -0.20
C LYS A 129 6.01 4.31 0.80
N GLY A 130 5.05 5.12 0.31
CA GLY A 130 4.06 5.72 1.22
C GLY A 130 3.24 4.65 1.92
N ASP A 131 2.82 3.65 1.19
CA ASP A 131 1.98 2.59 1.76
C ASP A 131 2.71 1.88 2.88
N TYR A 132 3.95 1.50 2.69
CA TYR A 132 4.62 0.68 3.73
C TYR A 132 5.06 1.55 4.87
N TYR A 133 5.39 2.82 4.67
CA TYR A 133 5.52 3.73 5.83
C TYR A 133 4.20 3.89 6.54
N ARG A 134 3.08 3.91 5.84
CA ARG A 134 1.75 3.99 6.44
C ARG A 134 1.52 2.77 7.33
N TYR A 135 1.84 1.57 6.85
CA TYR A 135 1.68 0.37 7.71
C TYR A 135 2.61 0.46 8.90
N LEU A 136 3.80 0.97 8.80
CA LEU A 136 4.65 1.21 9.99
C LEU A 136 3.97 2.20 10.91
N ALA A 137 3.32 3.22 10.36
CA ALA A 137 2.68 4.25 11.21
C ALA A 137 1.52 3.65 11.95
N GLU A 138 0.82 2.71 11.40
CA GLU A 138 -0.35 2.12 12.06
C GLU A 138 0.06 1.49 13.41
N VAL A 139 1.30 1.03 13.57
CA VAL A 139 1.70 0.32 14.81
C VAL A 139 2.70 1.14 15.60
N ALA A 140 3.08 2.32 15.15
CA ALA A 140 4.06 3.17 15.83
C ALA A 140 3.41 3.89 17.01
N THR A 141 4.17 3.94 18.10
CA THR A 141 3.74 4.57 19.39
C THR A 141 4.90 5.35 20.03
N GLY A 142 6.12 5.29 19.48
CA GLY A 142 7.35 5.82 20.11
C GLY A 142 7.75 7.22 19.65
N ASP A 143 9.01 7.58 19.89
CA ASP A 143 9.65 8.89 19.57
C ASP A 143 9.81 9.06 18.04
N ASP A 144 9.52 7.94 17.37
N ASP A 144 9.65 8.02 17.22
CA ASP A 144 9.70 7.62 15.93
CA ASP A 144 9.74 8.13 15.73
C ASP A 144 8.47 8.07 15.15
C ASP A 144 8.36 7.93 15.07
N LYS A 145 7.27 8.05 15.79
CA LYS A 145 5.96 8.00 15.11
C LYS A 145 5.83 9.21 14.16
N LYS A 146 6.19 10.39 14.62
CA LYS A 146 6.03 11.60 13.76
C LYS A 146 6.89 11.45 12.53
N ARG A 147 8.11 10.95 12.68
CA ARG A 147 9.04 10.87 11.53
C ARG A 147 8.47 9.76 10.61
N ILE A 148 7.90 8.70 11.10
CA ILE A 148 7.37 7.65 10.19
C ILE A 148 6.20 8.25 9.42
N ILE A 149 5.33 9.00 10.06
CA ILE A 149 4.18 9.63 9.39
C ILE A 149 4.69 10.59 8.36
N ASP A 150 5.72 11.35 8.67
CA ASP A 150 6.32 12.34 7.75
CA ASP A 150 6.22 12.33 7.69
C ASP A 150 6.85 11.61 6.50
N SER A 151 7.49 10.47 6.73
CA SER A 151 8.08 9.70 5.62
C SER A 151 6.97 9.22 4.69
N ALA A 152 5.89 8.73 5.26
CA ALA A 152 4.74 8.33 4.40
C ALA A 152 4.22 9.52 3.59
N ARG A 153 4.00 10.63 4.27
CA ARG A 153 3.45 11.84 3.63
CA ARG A 153 3.46 11.85 3.65
C ARG A 153 4.38 12.27 2.51
N SER A 154 5.66 12.32 2.76
CA SER A 154 6.65 12.81 1.78
CA SER A 154 6.65 12.83 1.76
C SER A 154 6.64 11.94 0.51
N ALA A 155 6.63 10.62 0.71
CA ALA A 155 6.60 9.70 -0.44
C ALA A 155 5.30 9.89 -1.25
N TYR A 156 4.20 9.90 -0.54
CA TYR A 156 2.90 10.11 -1.24
C TYR A 156 2.91 11.45 -2.00
N GLN A 157 3.42 12.49 -1.37
CA GLN A 157 3.38 13.83 -1.98
C GLN A 157 4.23 13.84 -3.23
N GLU A 158 5.44 13.28 -3.22
CA GLU A 158 6.24 13.25 -4.43
CA GLU A 158 6.31 13.16 -4.41
C GLU A 158 5.52 12.45 -5.52
N ALA A 159 4.90 11.34 -5.16
CA ALA A 159 4.14 10.53 -6.14
C ALA A 159 2.98 11.37 -6.73
N MET A 160 2.28 12.09 -5.86
CA MET A 160 1.14 12.93 -6.30
CA MET A 160 1.15 12.96 -6.25
C MET A 160 1.65 14.00 -7.26
N ASP A 161 2.76 14.63 -6.96
CA ASP A 161 3.22 15.73 -7.81
C ASP A 161 3.53 15.17 -9.19
N ILE A 162 4.22 14.04 -9.27
CA ILE A 162 4.56 13.44 -10.58
C ILE A 162 3.27 13.03 -11.29
N SER A 163 2.39 12.35 -10.59
CA SER A 163 1.17 11.81 -11.23
C SER A 163 0.34 12.94 -11.82
N LYS A 164 0.26 14.09 -11.17
N LYS A 164 0.19 14.04 -11.10
CA LYS A 164 -0.62 15.17 -11.68
CA LYS A 164 -0.56 15.23 -11.60
C LYS A 164 0.05 15.89 -12.85
C LYS A 164 0.04 15.67 -12.92
N LYS A 165 1.36 15.81 -12.97
CA LYS A 165 2.05 16.39 -14.14
CA LYS A 165 2.07 16.39 -14.14
C LYS A 165 2.05 15.42 -15.31
N GLU A 166 2.16 14.11 -15.07
CA GLU A 166 2.55 13.15 -16.10
C GLU A 166 1.47 12.18 -16.49
N MET A 167 0.39 12.04 -15.75
CA MET A 167 -0.62 10.99 -16.01
CA MET A 167 -0.60 10.98 -16.03
C MET A 167 -1.98 11.63 -16.13
N PRO A 168 -2.88 11.04 -16.91
CA PRO A 168 -4.26 11.50 -16.97
C PRO A 168 -4.96 11.23 -15.65
N PRO A 169 -6.04 11.96 -15.39
CA PRO A 169 -6.75 11.83 -14.12
C PRO A 169 -7.42 10.48 -13.94
N THR A 170 -7.57 9.71 -15.02
CA THR A 170 -8.17 8.35 -14.95
C THR A 170 -7.11 7.24 -14.80
N ASN A 171 -5.84 7.57 -14.86
CA ASN A 171 -4.81 6.53 -14.81
C ASN A 171 -4.99 5.71 -13.52
N PRO A 172 -5.11 4.37 -13.56
CA PRO A 172 -5.38 3.62 -12.34
C PRO A 172 -4.32 3.76 -11.24
N ILE A 173 -3.07 3.96 -11.62
CA ILE A 173 -2.01 4.18 -10.62
C ILE A 173 -2.30 5.49 -9.93
N ARG A 174 -2.52 6.54 -10.70
CA ARG A 174 -2.83 7.86 -10.12
C ARG A 174 -4.05 7.74 -9.21
N LEU A 175 -5.09 7.04 -9.65
CA LEU A 175 -6.30 6.90 -8.82
C LEU A 175 -6.01 6.15 -7.53
N GLY A 176 -5.29 5.04 -7.63
CA GLY A 176 -5.02 4.24 -6.41
C GLY A 176 -4.08 4.99 -5.46
N LEU A 177 -3.16 5.76 -5.99
CA LEU A 177 -2.32 6.62 -5.14
C LEU A 177 -3.18 7.62 -4.37
N ALA A 178 -4.09 8.31 -5.08
CA ALA A 178 -4.97 9.29 -4.42
C ALA A 178 -5.86 8.61 -3.41
N LEU A 179 -6.41 7.45 -3.74
CA LEU A 179 -7.22 6.69 -2.78
C LEU A 179 -6.41 6.44 -1.49
N ASN A 180 -5.19 5.94 -1.66
CA ASN A 180 -4.38 5.57 -0.47
C ASN A 180 -3.89 6.79 0.30
N PHE A 181 -3.56 7.86 -0.40
CA PHE A 181 -3.12 9.08 0.30
C PHE A 181 -4.30 9.66 1.06
N SER A 182 -5.52 9.57 0.49
CA SER A 182 -6.74 10.04 1.21
CA SER A 182 -6.73 10.04 1.19
C SER A 182 -6.91 9.21 2.47
N VAL A 183 -6.74 7.90 2.39
CA VAL A 183 -6.81 7.05 3.61
C VAL A 183 -5.71 7.41 4.60
N PHE A 184 -4.50 7.68 4.16
CA PHE A 184 -3.45 8.24 5.03
C PHE A 184 -3.97 9.45 5.78
N HIS A 185 -4.56 10.41 5.06
CA HIS A 185 -5.05 11.63 5.74
C HIS A 185 -6.09 11.27 6.76
N TYR A 186 -7.02 10.39 6.46
CA TYR A 186 -8.15 10.07 7.34
C TYR A 186 -7.68 9.29 8.58
N GLU A 187 -6.86 8.28 8.35
N GLU A 187 -6.93 8.24 8.39
CA GLU A 187 -6.59 7.22 9.35
CA GLU A 187 -6.65 7.25 9.46
C GLU A 187 -5.31 7.47 10.10
C GLU A 187 -5.33 7.60 10.18
N ILE A 188 -4.35 8.19 9.53
CA ILE A 188 -2.98 8.36 10.10
C ILE A 188 -2.79 9.79 10.52
N ALA A 189 -3.09 10.75 9.64
CA ALA A 189 -2.70 12.15 9.85
C ALA A 189 -3.79 12.93 10.58
N ASN A 190 -4.85 12.32 11.01
CA ASN A 190 -5.93 13.05 11.71
C ASN A 190 -6.44 14.24 10.89
N SER A 191 -6.56 14.07 9.58
CA SER A 191 -6.98 15.13 8.62
C SER A 191 -8.17 14.64 7.81
N PRO A 192 -9.34 14.36 8.41
CA PRO A 192 -10.46 13.84 7.66
C PRO A 192 -10.92 14.83 6.57
N GLU A 193 -10.86 16.12 6.80
CA GLU A 193 -11.30 17.06 5.74
C GLU A 193 -10.39 16.97 4.54
N GLU A 194 -9.09 16.85 4.72
CA GLU A 194 -8.15 16.69 3.62
C GLU A 194 -8.46 15.39 2.88
N ALA A 195 -8.70 14.34 3.62
CA ALA A 195 -9.06 13.02 3.04
C ALA A 195 -10.28 13.15 2.13
N ILE A 196 -11.32 13.79 2.63
CA ILE A 196 -12.60 13.93 1.88
C ILE A 196 -12.34 14.83 0.68
N SER A 197 -11.66 15.94 0.81
CA SER A 197 -11.42 16.84 -0.32
CA SER A 197 -11.40 16.84 -0.33
C SER A 197 -10.64 16.09 -1.40
N LEU A 198 -9.58 15.37 -1.02
CA LEU A 198 -8.80 14.66 -2.04
C LEU A 198 -9.64 13.60 -2.72
N ALA A 199 -10.37 12.83 -1.98
CA ALA A 199 -11.19 11.79 -2.63
C ALA A 199 -12.20 12.42 -3.61
N LYS A 200 -12.88 13.46 -3.21
CA LYS A 200 -13.89 14.19 -4.04
CA LYS A 200 -13.90 14.07 -4.09
C LYS A 200 -13.22 14.72 -5.30
N THR A 201 -12.18 15.48 -5.17
CA THR A 201 -11.53 16.09 -6.35
CA THR A 201 -11.56 16.10 -6.36
C THR A 201 -11.04 14.98 -7.28
N THR A 202 -10.42 13.96 -6.71
CA THR A 202 -9.91 12.85 -7.56
C THR A 202 -11.07 12.24 -8.33
N PHE A 203 -12.16 11.91 -7.65
CA PHE A 203 -13.33 11.29 -8.32
C PHE A 203 -13.85 12.18 -9.44
N ASP A 204 -14.02 13.44 -9.16
CA ASP A 204 -14.66 14.37 -10.11
C ASP A 204 -13.74 14.58 -11.30
N GLU A 205 -12.46 14.68 -11.13
CA GLU A 205 -11.54 14.87 -12.26
C GLU A 205 -11.47 13.60 -13.09
N ALA A 206 -11.58 12.45 -12.50
CA ALA A 206 -11.59 11.18 -13.24
C ALA A 206 -12.91 11.11 -14.04
N MET A 207 -14.04 11.40 -13.43
CA MET A 207 -15.33 11.31 -14.13
CA MET A 207 -15.36 11.38 -14.11
C MET A 207 -15.25 12.13 -15.43
N ALA A 208 -14.68 13.31 -15.39
CA ALA A 208 -14.61 14.20 -16.55
C ALA A 208 -13.72 13.67 -17.64
N ASP A 209 -12.86 12.69 -17.35
N ASP A 209 -12.77 12.77 -17.40
CA ASP A 209 -11.88 12.14 -18.31
CA ASP A 209 -11.98 12.27 -18.56
C ASP A 209 -12.32 10.78 -18.83
C ASP A 209 -12.31 10.79 -18.83
N LEU A 210 -13.38 10.21 -18.29
CA LEU A 210 -13.78 8.85 -18.70
C LEU A 210 -14.13 8.80 -20.19
N HIS A 211 -14.59 9.90 -20.77
CA HIS A 211 -15.05 9.90 -22.19
C HIS A 211 -13.90 9.57 -23.12
N THR A 212 -12.65 9.72 -22.67
CA THR A 212 -11.49 9.51 -23.54
C THR A 212 -11.11 8.04 -23.63
N LEU A 213 -11.67 7.19 -22.82
CA LEU A 213 -11.18 5.81 -22.58
C LEU A 213 -11.89 4.78 -23.44
N SER A 214 -11.19 3.71 -23.74
CA SER A 214 -11.77 2.46 -24.28
C SER A 214 -12.62 1.79 -23.24
N GLU A 215 -13.42 0.80 -23.63
CA GLU A 215 -14.26 0.08 -22.68
C GLU A 215 -13.38 -0.53 -21.58
N ASP A 216 -12.25 -1.13 -21.97
CA ASP A 216 -11.43 -1.85 -20.97
C ASP A 216 -10.78 -0.85 -19.99
N SER A 217 -10.26 0.26 -20.51
CA SER A 217 -9.67 1.30 -19.63
C SER A 217 -10.76 1.87 -18.70
N TYR A 218 -11.94 2.11 -19.24
CA TYR A 218 -13.09 2.59 -18.48
CA TYR A 218 -13.10 2.61 -18.48
C TYR A 218 -13.38 1.68 -17.30
N LYS A 219 -13.37 0.37 -17.52
CA LYS A 219 -13.62 -0.59 -16.43
CA LYS A 219 -13.59 -0.61 -16.45
C LYS A 219 -12.51 -0.48 -15.37
N ASP A 220 -11.26 -0.40 -15.78
CA ASP A 220 -10.13 -0.30 -14.84
C ASP A 220 -10.30 0.96 -13.99
N SER A 221 -10.56 2.11 -14.62
CA SER A 221 -10.65 3.39 -13.87
C SER A 221 -11.87 3.39 -12.96
N THR A 222 -13.04 2.94 -13.43
CA THR A 222 -14.28 3.05 -12.64
C THR A 222 -14.22 2.14 -11.41
N LEU A 223 -13.45 1.07 -11.50
CA LEU A 223 -13.33 0.15 -10.33
C LEU A 223 -12.71 0.93 -9.16
N ILE A 224 -11.68 1.72 -9.43
CA ILE A 224 -10.95 2.50 -8.38
CA ILE A 224 -11.01 2.46 -8.33
C ILE A 224 -11.81 3.69 -7.96
N MET A 225 -12.51 4.32 -8.92
CA MET A 225 -13.41 5.41 -8.57
C MET A 225 -14.47 4.93 -7.58
N GLN A 226 -14.95 3.71 -7.74
CA GLN A 226 -15.99 3.20 -6.82
C GLN A 226 -15.41 3.12 -5.40
N LEU A 227 -14.14 2.76 -5.26
CA LEU A 227 -13.51 2.72 -3.91
C LEU A 227 -13.44 4.13 -3.30
N LEU A 228 -13.14 5.14 -4.13
CA LEU A 228 -13.18 6.52 -3.65
C LEU A 228 -14.59 6.85 -3.16
N ARG A 229 -15.62 6.49 -3.94
N ARG A 229 -15.60 6.49 -3.95
CA ARG A 229 -17.02 6.81 -3.54
CA ARG A 229 -17.02 6.74 -3.60
C ARG A 229 -17.40 5.99 -2.29
C ARG A 229 -17.38 5.99 -2.30
N ASP A 230 -16.93 4.76 -2.19
CA ASP A 230 -17.22 3.94 -0.97
C ASP A 230 -16.62 4.63 0.25
N ASN A 231 -15.40 5.13 0.16
CA ASN A 231 -14.84 5.86 1.32
C ASN A 231 -15.63 7.14 1.57
N LEU A 232 -15.95 7.90 0.54
CA LEU A 232 -16.74 9.13 0.78
C LEU A 232 -18.07 8.81 1.45
N THR A 233 -18.69 7.70 1.09
CA THR A 233 -19.98 7.26 1.72
C THR A 233 -19.75 6.94 3.20
N LEU A 234 -18.63 6.31 3.53
CA LEU A 234 -18.28 5.97 4.93
CA LEU A 234 -18.27 5.98 4.93
C LEU A 234 -18.02 7.26 5.71
N TRP A 235 -17.38 8.27 5.09
CA TRP A 235 -16.81 9.44 5.81
C TRP A 235 -17.76 10.62 5.89
N THR A 236 -18.80 10.65 5.07
CA THR A 236 -19.78 11.78 5.03
C THR A 236 -21.19 11.22 5.28
N ASN B 5 -11.66 1.00 8.64
CA ASN B 5 -12.59 0.34 7.66
C ASN B 5 -12.46 1.00 6.30
N ALA B 6 -11.48 1.90 6.15
CA ALA B 6 -11.28 2.65 4.89
C ALA B 6 -10.79 1.68 3.81
N ASN B 7 -11.38 1.80 2.64
CA ASN B 7 -10.99 1.09 1.41
C ASN B 7 -9.66 1.66 0.93
N SER B 9 -6.25 0.65 -1.98
CA SER B 9 -6.22 0.25 -3.38
C SER B 9 -6.10 -1.27 -3.44
N PRO B 10 -6.78 -1.94 -4.39
CA PRO B 10 -6.75 -3.40 -4.45
C PRO B 10 -5.49 -3.80 -5.23
N VAL B 11 -4.78 -4.83 -4.74
CA VAL B 11 -3.62 -5.46 -5.41
C VAL B 11 -4.11 -6.69 -6.17
N ALA C 25 -11.58 -0.86 7.75
CA ALA C 25 -12.92 -0.28 7.42
C ALA C 25 -12.81 0.94 6.50
N SER C 26 -11.67 1.08 5.80
N SER C 26 -11.69 1.01 5.76
CA SER C 26 -11.52 1.97 4.61
CA SER C 26 -11.43 1.96 4.63
C SER C 26 -10.94 1.11 3.48
C SER C 26 -10.83 1.16 3.48
N ALA C 27 -11.15 1.53 2.24
CA ALA C 27 -10.64 0.83 1.05
C ALA C 27 -9.35 1.45 0.60
N THR C 29 -5.85 0.31 -2.17
CA THR C 29 -5.67 -0.46 -3.38
C THR C 29 -5.36 -1.92 -3.04
N LEU C 30 -5.86 -2.81 -3.91
CA LEU C 30 -5.56 -4.26 -4.00
C LEU C 30 -5.22 -4.57 -5.46
N ASP C 31 -3.92 -4.55 -5.81
CA ASP C 31 -3.43 -4.72 -7.20
C ASP C 31 -3.75 -6.15 -7.66
#